data_8WO9
#
_entry.id   8WO9
#
_cell.length_a   91.920
_cell.length_b   46.300
_cell.length_c   95.470
_cell.angle_alpha   90.00
_cell.angle_beta   102.81
_cell.angle_gamma   90.00
#
_symmetry.space_group_name_H-M   'C 1 2 1'
#
loop_
_entity.id
_entity.type
_entity.pdbx_description
1 polymer 'MHC class I antigen'
2 polymer Beta-2-microglobulin
3 polymer 'peptide of AIV'
4 water water
#
loop_
_entity_poly.entity_id
_entity_poly.type
_entity_poly.pdbx_seq_one_letter_code
_entity_poly.pdbx_strand_id
1 'polypeptide(L)'
;EPHSLRYFFAGVSEPSPGVPQFMIVGYVDGDVFVRYDSETRRMESRVDWTSAIDDQQYWERNTQIAQNTEQIFRLDLETL
RERYNQSRGSHTTHVMYGCDILEDGSIRGFEQHGYDGKDFLTFDKDTLTYTAADAGAQITKRKWEQEGTVAERMKYYLEN
TCIEWLRKYVSYGKDVLERRERPEVRVSGMEADKILTLSCRAHGFYPQPISISWLKDGMVQEQETRRGSTVPNSDGTYHI
WATIDVLPGDGDKYQCRVEHASLPQPGLFSW
;
A
2 'polypeptide(L)'
;MEFGQAKAAPKVQVYSRHPATAGTENILNCYVEGFHPPKIDIALLKNGEPMKDVKYNDMSFGDDWTFQRLVYAPFTPTKS
DVYTCRVDHEAFTEPQSFRWEPDF
;
B
3 'polypeptide(L)' IMFSNKMAR C
#
# COMPACT_ATOMS: atom_id res chain seq x y z
N PRO A 2 16.26 -3.10 6.26
CA PRO A 2 15.69 -4.43 5.99
C PRO A 2 15.42 -4.63 4.50
N HIS A 3 15.22 -5.89 4.14
CA HIS A 3 14.80 -6.23 2.79
C HIS A 3 13.57 -7.10 2.89
N SER A 4 12.72 -7.04 1.86
CA SER A 4 11.48 -7.81 1.90
C SER A 4 11.07 -8.22 0.48
N LEU A 5 10.58 -9.45 0.36
CA LEU A 5 9.88 -9.92 -0.83
C LEU A 5 8.48 -10.30 -0.42
N ARG A 6 7.47 -9.79 -1.13
CA ARG A 6 6.09 -10.05 -0.77
C ARG A 6 5.26 -10.27 -2.02
N TYR A 7 4.39 -11.27 -1.98
CA TYR A 7 3.40 -11.49 -3.02
C TYR A 7 2.02 -11.38 -2.39
N PHE A 8 1.17 -10.57 -3.03
CA PHE A 8 -0.21 -10.32 -2.61
C PHE A 8 -1.16 -10.80 -3.70
N PHE A 9 -2.12 -11.64 -3.30
CA PHE A 9 -3.12 -12.21 -4.20
C PHE A 9 -4.51 -11.84 -3.68
N ALA A 10 -5.38 -11.43 -4.58
CA ALA A 10 -6.75 -11.10 -4.19
C ALA A 10 -7.71 -11.61 -5.23
N GLY A 11 -8.81 -12.21 -4.78
CA GLY A 11 -9.89 -12.58 -5.67
C GLY A 11 -11.19 -11.99 -5.18
N VAL A 12 -12.08 -11.72 -6.13
CA VAL A 12 -13.44 -11.22 -5.85
C VAL A 12 -14.42 -12.01 -6.70
N SER A 13 -15.58 -12.34 -6.09
CA SER A 13 -16.60 -13.13 -6.77
C SER A 13 -16.95 -12.53 -8.12
N GLU A 14 -17.15 -11.20 -8.16
CA GLU A 14 -17.48 -10.54 -9.41
C GLU A 14 -16.65 -9.27 -9.55
N PRO A 15 -16.19 -8.96 -10.76
CA PRO A 15 -15.44 -7.71 -10.97
C PRO A 15 -16.33 -6.49 -10.78
N SER A 16 -15.67 -5.34 -10.78
CA SER A 16 -16.35 -4.05 -10.83
C SER A 16 -15.36 -3.03 -11.37
N PRO A 17 -15.83 -1.81 -11.76
CA PRO A 17 -14.92 -0.84 -12.37
C PRO A 17 -13.60 -0.64 -11.62
N GLY A 18 -12.50 -0.91 -12.30
CA GLY A 18 -11.19 -0.80 -11.69
C GLY A 18 -10.83 -1.92 -10.74
N VAL A 19 -11.65 -2.97 -10.66
CA VAL A 19 -11.43 -4.08 -9.75
C VAL A 19 -11.48 -5.41 -10.51
N PRO A 20 -10.35 -6.01 -10.84
CA PRO A 20 -10.38 -7.30 -11.53
C PRO A 20 -10.80 -8.42 -10.59
N GLN A 21 -11.27 -9.51 -11.21
CA GLN A 21 -11.69 -10.71 -10.51
C GLN A 21 -10.55 -11.36 -9.74
N PHE A 22 -9.32 -11.24 -10.24
CA PHE A 22 -8.16 -11.89 -9.64
C PHE A 22 -6.96 -11.00 -9.90
N MET A 23 -6.12 -10.81 -8.89
CA MET A 23 -4.93 -9.98 -9.06
C MET A 23 -3.78 -10.55 -8.23
N ILE A 24 -2.56 -10.35 -8.73
CA ILE A 24 -1.33 -10.66 -8.01
C ILE A 24 -0.39 -9.48 -8.19
N VAL A 25 0.21 -9.02 -7.10
CA VAL A 25 1.25 -8.01 -7.19
C VAL A 25 2.42 -8.44 -6.32
N GLY A 26 3.63 -8.29 -6.84
CA GLY A 26 4.84 -8.65 -6.10
C GLY A 26 5.60 -7.38 -5.77
N TYR A 27 6.18 -7.33 -4.55
CA TYR A 27 6.96 -6.19 -4.09
C TYR A 27 8.33 -6.61 -3.59
N VAL A 28 9.35 -5.84 -3.96
CA VAL A 28 10.70 -5.96 -3.38
C VAL A 28 10.99 -4.65 -2.66
N ASP A 29 11.29 -4.76 -1.36
CA ASP A 29 11.61 -3.61 -0.51
C ASP A 29 10.52 -2.54 -0.61
N GLY A 30 9.27 -3.00 -0.71
CA GLY A 30 8.14 -2.10 -0.71
C GLY A 30 7.75 -1.54 -2.07
N ASP A 31 8.52 -1.81 -3.13
CA ASP A 31 8.28 -1.28 -4.45
C ASP A 31 7.76 -2.39 -5.34
N VAL A 32 6.71 -2.09 -6.12
CA VAL A 32 6.19 -3.11 -7.04
C VAL A 32 7.26 -3.51 -8.05
N PHE A 33 7.36 -4.82 -8.31
CA PHE A 33 8.23 -5.26 -9.40
C PHE A 33 7.55 -6.19 -10.41
N VAL A 34 6.44 -6.86 -10.07
CA VAL A 34 5.68 -7.69 -11.00
C VAL A 34 4.20 -7.59 -10.68
N ARG A 35 3.38 -7.91 -11.67
CA ARG A 35 1.93 -7.84 -11.53
C ARG A 35 1.29 -8.74 -12.57
N TYR A 36 0.20 -9.40 -12.20
CA TYR A 36 -0.52 -10.23 -13.15
C TYR A 36 -1.39 -9.37 -14.06
N ASP A 37 -1.37 -9.69 -15.36
CA ASP A 37 -2.32 -9.14 -16.33
C ASP A 37 -3.40 -10.18 -16.59
N SER A 38 -4.60 -9.92 -16.05
CA SER A 38 -5.71 -10.87 -16.16
C SER A 38 -6.18 -11.06 -17.59
N GLU A 39 -6.00 -10.05 -18.44
CA GLU A 39 -6.49 -10.15 -19.80
C GLU A 39 -5.60 -11.05 -20.65
N THR A 40 -4.28 -10.85 -20.56
CA THR A 40 -3.37 -11.73 -21.27
C THR A 40 -3.03 -12.97 -20.47
N ARG A 41 -3.36 -12.97 -19.17
CA ARG A 41 -3.10 -14.08 -18.24
C ARG A 41 -1.60 -14.34 -18.09
N ARG A 42 -0.83 -13.24 -17.93
CA ARG A 42 0.63 -13.33 -17.87
C ARG A 42 1.14 -12.48 -16.71
N MET A 43 2.15 -13.00 -16.00
CA MET A 43 2.90 -12.17 -15.07
C MET A 43 3.80 -11.22 -15.85
N GLU A 44 3.79 -9.95 -15.48
CA GLU A 44 4.51 -8.91 -16.21
C GLU A 44 5.40 -8.12 -15.27
N SER A 45 6.51 -7.63 -15.84
CA SER A 45 7.40 -6.73 -15.12
C SER A 45 6.73 -5.38 -14.90
N ARG A 46 7.01 -4.78 -13.75
CA ARG A 46 6.53 -3.42 -13.49
C ARG A 46 7.68 -2.47 -13.15
N VAL A 47 8.92 -2.91 -13.29
CA VAL A 47 10.08 -2.03 -13.06
C VAL A 47 11.20 -2.52 -13.95
N ASP A 48 11.96 -1.59 -14.52
CA ASP A 48 12.86 -1.92 -15.62
C ASP A 48 14.01 -2.84 -15.21
N TRP A 49 14.42 -2.85 -13.93
CA TRP A 49 15.58 -3.67 -13.60
C TRP A 49 15.29 -5.17 -13.65
N THR A 50 14.03 -5.56 -13.85
CA THR A 50 13.76 -7.00 -13.94
C THR A 50 14.39 -7.65 -15.18
N SER A 51 14.87 -6.87 -16.15
CA SER A 51 15.59 -7.48 -17.28
C SER A 51 16.82 -8.24 -16.80
N ALA A 52 17.34 -7.93 -15.62
CA ALA A 52 18.49 -8.65 -15.10
C ALA A 52 18.14 -10.03 -14.57
N ILE A 53 16.84 -10.33 -14.37
CA ILE A 53 16.42 -11.69 -14.08
C ILE A 53 16.59 -12.46 -15.37
N ASP A 54 17.68 -13.21 -15.49
CA ASP A 54 18.05 -13.82 -16.76
C ASP A 54 17.82 -15.32 -16.81
N ASP A 55 17.26 -15.92 -15.76
CA ASP A 55 17.00 -17.35 -15.81
C ASP A 55 15.96 -17.70 -16.86
N GLN A 56 16.23 -18.77 -17.61
CA GLN A 56 15.32 -19.18 -18.65
C GLN A 56 14.01 -19.63 -18.03
N GLN A 57 12.93 -19.34 -18.72
CA GLN A 57 11.59 -19.74 -18.33
C GLN A 57 11.11 -19.09 -17.04
N TYR A 58 11.80 -18.07 -16.52
CA TYR A 58 11.34 -17.41 -15.29
C TYR A 58 9.92 -16.88 -15.45
N TRP A 59 9.66 -16.14 -16.52
CA TRP A 59 8.35 -15.54 -16.68
C TRP A 59 7.28 -16.60 -16.93
N GLU A 60 7.61 -17.60 -17.75
CA GLU A 60 6.66 -18.68 -18.02
C GLU A 60 6.29 -19.40 -16.73
N ARG A 61 7.27 -19.65 -15.85
CA ARG A 61 7.01 -20.35 -14.59
C ARG A 61 6.11 -19.52 -13.68
N ASN A 62 6.39 -18.22 -13.55
CA ASN A 62 5.53 -17.38 -12.73
C ASN A 62 4.12 -17.29 -13.32
N THR A 63 4.03 -17.19 -14.65
CA THR A 63 2.73 -17.15 -15.31
C THR A 63 1.94 -18.42 -15.06
N GLN A 64 2.61 -19.59 -15.09
CA GLN A 64 1.90 -20.83 -14.84
C GLN A 64 1.36 -20.89 -13.42
N ILE A 65 2.16 -20.48 -12.43
CA ILE A 65 1.68 -20.43 -11.06
C ILE A 65 0.51 -19.47 -10.93
N ALA A 66 0.60 -18.31 -11.57
CA ALA A 66 -0.48 -17.33 -11.52
C ALA A 66 -1.78 -17.92 -12.08
N GLN A 67 -1.70 -18.61 -13.22
CA GLN A 67 -2.92 -19.16 -13.83
C GLN A 67 -3.50 -20.27 -12.97
N ASN A 68 -2.65 -21.13 -12.40
CA ASN A 68 -3.14 -22.16 -11.49
C ASN A 68 -3.83 -21.52 -10.29
N THR A 69 -3.20 -20.51 -9.71
CA THR A 69 -3.75 -19.87 -8.53
C THR A 69 -5.09 -19.19 -8.84
N GLU A 70 -5.21 -18.63 -10.05
CA GLU A 70 -6.47 -18.04 -10.47
C GLU A 70 -7.60 -19.06 -10.44
N GLN A 71 -7.34 -20.26 -10.96
CA GLN A 71 -8.35 -21.32 -10.87
C GLN A 71 -8.63 -21.72 -9.43
N ILE A 72 -7.60 -21.84 -8.59
CA ILE A 72 -7.81 -22.20 -7.20
C ILE A 72 -8.65 -21.16 -6.48
N PHE A 73 -8.42 -19.87 -6.78
CA PHE A 73 -9.18 -18.83 -6.09
C PHE A 73 -10.67 -18.92 -6.43
N ARG A 74 -11.01 -19.26 -7.67
CA ARG A 74 -12.41 -19.47 -8.01
C ARG A 74 -13.00 -20.62 -7.21
N LEU A 75 -12.23 -21.70 -7.05
CA LEU A 75 -12.72 -22.81 -6.23
C LEU A 75 -12.89 -22.40 -4.78
N ASP A 76 -11.93 -21.65 -4.23
CA ASP A 76 -11.99 -21.29 -2.81
C ASP A 76 -13.19 -20.42 -2.50
N LEU A 77 -13.50 -19.46 -3.38
CA LEU A 77 -14.66 -18.60 -3.15
C LEU A 77 -15.94 -19.43 -3.06
N GLU A 78 -16.10 -20.40 -3.96
CA GLU A 78 -17.27 -21.27 -3.90
C GLU A 78 -17.26 -22.13 -2.65
N THR A 79 -16.10 -22.69 -2.29
CA THR A 79 -15.99 -23.53 -1.09
C THR A 79 -16.38 -22.73 0.15
N LEU A 80 -15.83 -21.53 0.30
CA LEU A 80 -16.03 -20.82 1.55
C LEU A 80 -17.42 -20.19 1.65
N ARG A 81 -18.00 -19.77 0.54
CA ARG A 81 -19.40 -19.31 0.60
C ARG A 81 -20.27 -20.40 1.22
N GLU A 82 -20.08 -21.64 0.80
CA GLU A 82 -20.89 -22.74 1.29
C GLU A 82 -20.53 -23.14 2.72
N ARG A 83 -19.23 -23.14 3.05
CA ARG A 83 -18.81 -23.53 4.39
C ARG A 83 -19.39 -22.59 5.45
N TYR A 84 -19.42 -21.30 5.15
CA TYR A 84 -19.93 -20.30 6.09
C TYR A 84 -21.43 -20.04 5.92
N ASN A 85 -22.11 -20.78 5.04
CA ASN A 85 -23.55 -20.65 4.85
C ASN A 85 -23.94 -19.23 4.49
N GLN A 86 -23.15 -18.61 3.60
CA GLN A 86 -23.33 -17.23 3.21
C GLN A 86 -24.25 -17.13 2.00
N SER A 87 -24.90 -15.97 1.87
CA SER A 87 -25.62 -15.65 0.66
C SER A 87 -24.64 -15.36 -0.47
N ARG A 88 -25.15 -15.45 -1.70
CA ARG A 88 -24.33 -15.08 -2.84
C ARG A 88 -24.09 -13.58 -2.82
N GLY A 89 -22.94 -13.18 -3.36
CA GLY A 89 -22.55 -11.78 -3.36
C GLY A 89 -21.09 -11.67 -3.71
N SER A 90 -20.60 -10.42 -3.70
CA SER A 90 -19.19 -10.19 -3.99
C SER A 90 -18.39 -10.46 -2.72
N HIS A 91 -17.92 -11.69 -2.62
CA HIS A 91 -17.04 -12.08 -1.56
C HIS A 91 -15.60 -11.92 -2.04
N THR A 92 -14.68 -11.82 -1.10
CA THR A 92 -13.27 -11.67 -1.40
C THR A 92 -12.45 -12.77 -0.75
N THR A 93 -11.27 -13.01 -1.33
CA THR A 93 -10.32 -13.91 -0.72
C THR A 93 -8.92 -13.37 -0.99
N HIS A 94 -8.03 -13.59 -0.03
CA HIS A 94 -6.72 -12.94 -0.02
C HIS A 94 -5.65 -13.92 0.44
N VAL A 95 -4.46 -13.79 -0.15
CA VAL A 95 -3.26 -14.46 0.35
C VAL A 95 -2.13 -13.44 0.30
N MET A 96 -1.29 -13.44 1.33
CA MET A 96 -0.03 -12.73 1.29
C MET A 96 1.04 -13.66 1.83
N TYR A 97 2.18 -13.73 1.15
CA TYR A 97 3.31 -14.48 1.73
C TYR A 97 4.62 -13.84 1.28
N GLY A 98 5.68 -14.18 1.99
CA GLY A 98 7.00 -13.71 1.58
C GLY A 98 7.97 -13.75 2.74
N CYS A 99 9.08 -13.05 2.56
CA CYS A 99 10.19 -13.18 3.49
C CYS A 99 10.89 -11.84 3.69
N ASP A 100 11.57 -11.72 4.83
CA ASP A 100 12.33 -10.54 5.20
C ASP A 100 13.76 -10.95 5.53
N ILE A 101 14.71 -10.08 5.20
CA ILE A 101 16.08 -10.17 5.71
C ILE A 101 16.33 -8.93 6.57
N LEU A 102 16.57 -9.13 7.85
CA LEU A 102 16.69 -8.05 8.79
C LEU A 102 18.12 -7.50 8.78
N GLU A 103 18.35 -6.42 9.54
CA GLU A 103 19.66 -5.79 9.57
C GLU A 103 20.76 -6.76 10.01
N ASP A 104 20.47 -7.64 10.98
CA ASP A 104 21.49 -8.57 11.44
C ASP A 104 21.61 -9.81 10.56
N GLY A 105 20.96 -9.83 9.40
CA GLY A 105 20.99 -10.98 8.53
C GLY A 105 19.98 -12.05 8.86
N SER A 106 19.30 -11.95 10.00
CA SER A 106 18.30 -12.94 10.35
C SER A 106 17.10 -12.81 9.40
N ILE A 107 16.30 -13.87 9.33
CA ILE A 107 15.22 -13.91 8.37
C ILE A 107 13.89 -14.06 9.09
N ARG A 108 12.84 -13.63 8.41
CA ARG A 108 11.47 -13.87 8.83
C ARG A 108 10.70 -14.36 7.62
N GLY A 109 9.66 -15.14 7.87
CA GLY A 109 8.80 -15.62 6.79
C GLY A 109 7.36 -15.54 7.22
N PHE A 110 6.50 -15.29 6.23
CA PHE A 110 5.09 -14.99 6.46
C PHE A 110 4.25 -15.76 5.45
N GLU A 111 3.13 -16.30 5.91
CA GLU A 111 2.07 -16.72 5.00
C GLU A 111 0.75 -16.51 5.71
N GLN A 112 -0.07 -15.60 5.19
CA GLN A 112 -1.33 -15.27 5.83
C GLN A 112 -2.47 -15.36 4.82
N HIS A 113 -3.60 -15.90 5.29
CA HIS A 113 -4.76 -16.11 4.44
C HIS A 113 -5.93 -15.34 5.00
N GLY A 114 -6.69 -14.72 4.11
CA GLY A 114 -7.87 -13.98 4.50
C GLY A 114 -9.07 -14.38 3.67
N TYR A 115 -10.24 -14.22 4.27
CA TYR A 115 -11.49 -14.43 3.55
C TYR A 115 -12.48 -13.34 3.96
N ASP A 116 -13.04 -12.68 2.95
CA ASP A 116 -14.08 -11.67 3.14
C ASP A 116 -13.59 -10.53 4.03
N GLY A 117 -12.32 -10.16 3.88
CA GLY A 117 -11.80 -9.05 4.64
C GLY A 117 -11.37 -9.36 6.06
N LYS A 118 -11.41 -10.63 6.46
CA LYS A 118 -11.07 -11.05 7.81
C LYS A 118 -9.97 -12.10 7.78
N ASP A 119 -9.23 -12.17 8.89
CA ASP A 119 -8.24 -13.22 9.08
C ASP A 119 -8.90 -14.59 8.90
N PHE A 120 -8.15 -15.51 8.28
CA PHE A 120 -8.61 -16.87 8.06
C PHE A 120 -7.59 -17.85 8.62
N LEU A 121 -6.39 -17.87 8.05
CA LEU A 121 -5.32 -18.73 8.55
C LEU A 121 -4.02 -17.95 8.58
N THR A 122 -3.20 -18.22 9.58
CA THR A 122 -1.86 -17.65 9.71
C THR A 122 -0.85 -18.77 9.93
N PHE A 123 0.21 -18.77 9.13
CA PHE A 123 1.23 -19.81 9.22
C PHE A 123 2.30 -19.44 10.24
N ASP A 124 2.69 -20.43 11.06
CA ASP A 124 3.86 -20.34 11.91
C ASP A 124 4.87 -21.37 11.39
N LYS A 125 5.89 -20.88 10.66
CA LYS A 125 6.84 -21.80 10.05
C LYS A 125 7.70 -22.48 11.10
N ASP A 126 7.87 -21.86 12.26
CA ASP A 126 8.76 -22.43 13.26
C ASP A 126 8.11 -23.59 14.03
N THR A 127 6.78 -23.69 14.03
CA THR A 127 6.09 -24.86 14.59
C THR A 127 5.37 -25.70 13.55
N LEU A 128 5.42 -25.31 12.26
CA LEU A 128 4.79 -26.05 11.17
C LEU A 128 3.28 -26.23 11.38
N THR A 129 2.62 -25.20 11.88
CA THR A 129 1.18 -25.27 12.07
C THR A 129 0.54 -23.97 11.61
N TYR A 130 -0.74 -24.08 11.26
CA TYR A 130 -1.56 -22.93 10.92
C TYR A 130 -2.47 -22.58 12.10
N THR A 131 -2.64 -21.29 12.34
CA THR A 131 -3.60 -20.79 13.33
C THR A 131 -4.87 -20.38 12.61
N ALA A 132 -6.01 -20.96 13.01
CA ALA A 132 -7.29 -20.68 12.39
C ALA A 132 -8.04 -19.61 13.17
N ALA A 133 -8.65 -18.68 12.44
CA ALA A 133 -9.31 -17.54 13.06
C ALA A 133 -10.71 -17.88 13.56
N ASP A 134 -11.34 -18.90 12.98
CA ASP A 134 -12.69 -19.29 13.40
C ASP A 134 -12.88 -20.76 13.05
N ALA A 135 -14.04 -21.29 13.44
CA ALA A 135 -14.26 -22.73 13.28
C ALA A 135 -14.27 -23.13 11.81
N GLY A 136 -14.71 -22.23 10.92
CA GLY A 136 -14.68 -22.53 9.49
C GLY A 136 -13.27 -22.67 8.95
N ALA A 137 -12.37 -21.78 9.37
CA ALA A 137 -10.96 -21.89 8.98
C ALA A 137 -10.33 -23.17 9.52
N GLN A 138 -10.81 -23.67 10.67
CA GLN A 138 -10.31 -24.92 11.22
C GLN A 138 -10.42 -26.07 10.23
N ILE A 139 -11.48 -26.08 9.42
CA ILE A 139 -11.66 -27.14 8.44
C ILE A 139 -10.50 -27.16 7.45
N THR A 140 -10.04 -25.99 7.01
CA THR A 140 -8.87 -25.96 6.12
C THR A 140 -7.60 -26.32 6.86
N LYS A 141 -7.42 -25.80 8.07
CA LYS A 141 -6.28 -26.21 8.90
C LYS A 141 -6.16 -27.72 8.94
N ARG A 142 -7.27 -28.41 9.20
CA ARG A 142 -7.21 -29.86 9.34
C ARG A 142 -6.89 -30.52 8.01
N LYS A 143 -7.49 -30.01 6.93
CA LYS A 143 -7.20 -30.52 5.58
C LYS A 143 -5.72 -30.39 5.28
N TRP A 144 -5.15 -29.22 5.54
CA TRP A 144 -3.76 -29.01 5.17
C TRP A 144 -2.81 -29.77 6.08
N GLU A 145 -3.15 -29.88 7.37
CA GLU A 145 -2.23 -30.54 8.30
C GLU A 145 -2.24 -32.04 8.11
N GLN A 146 -3.29 -32.56 7.46
CA GLN A 146 -3.57 -34.00 7.21
C GLN A 146 -2.99 -34.40 5.86
N GLU A 147 -2.94 -33.44 4.93
CA GLU A 147 -2.26 -33.67 3.62
C GLU A 147 -0.81 -34.02 3.97
N GLY A 148 -0.22 -33.26 4.90
CA GLY A 148 1.05 -33.57 5.59
C GLY A 148 2.27 -32.94 4.96
N THR A 149 2.12 -32.26 3.85
CA THR A 149 3.33 -31.74 3.20
C THR A 149 3.21 -30.24 2.94
N VAL A 150 2.04 -29.70 3.19
CA VAL A 150 1.72 -28.26 2.94
C VAL A 150 2.65 -27.40 3.79
N ALA A 151 2.65 -27.61 5.10
CA ALA A 151 3.49 -26.78 5.94
C ALA A 151 4.96 -26.96 5.62
N GLU A 152 5.40 -28.23 5.42
CA GLU A 152 6.81 -28.47 5.15
C GLU A 152 7.27 -27.78 3.87
N ARG A 153 6.44 -27.83 2.82
CA ARG A 153 6.83 -27.22 1.55
C ARG A 153 6.89 -25.70 1.68
N MET A 154 5.91 -25.11 2.38
CA MET A 154 5.95 -23.66 2.60
C MET A 154 7.13 -23.23 3.46
N LYS A 155 7.42 -23.98 4.52
CA LYS A 155 8.55 -23.58 5.35
C LYS A 155 9.84 -23.60 4.54
N TYR A 156 10.00 -24.63 3.68
CA TYR A 156 11.21 -24.68 2.87
C TYR A 156 11.28 -23.49 1.91
N TYR A 157 10.16 -23.18 1.27
CA TYR A 157 10.12 -22.02 0.39
C TYR A 157 10.48 -20.75 1.13
N LEU A 158 9.86 -20.52 2.29
CA LEU A 158 10.07 -19.24 2.96
C LEU A 158 11.50 -19.08 3.44
N GLU A 159 12.16 -20.18 3.85
CA GLU A 159 13.49 -20.13 4.44
C GLU A 159 14.60 -20.29 3.42
N ASN A 160 14.29 -20.73 2.20
CA ASN A 160 15.32 -21.01 1.21
C ASN A 160 15.05 -20.28 -0.10
N THR A 161 14.08 -20.79 -0.87
CA THR A 161 13.75 -20.23 -2.17
C THR A 161 13.45 -18.73 -2.10
N CYS A 162 12.56 -18.34 -1.18
CA CYS A 162 12.19 -16.93 -1.05
C CYS A 162 13.41 -16.06 -0.76
N ILE A 163 14.22 -16.48 0.20
CA ILE A 163 15.37 -15.69 0.63
C ILE A 163 16.41 -15.60 -0.49
N GLU A 164 16.63 -16.71 -1.19
CA GLU A 164 17.60 -16.74 -2.32
C GLU A 164 17.14 -15.75 -3.40
N TRP A 165 15.86 -15.76 -3.74
CA TRP A 165 15.41 -14.83 -4.77
C TRP A 165 15.40 -13.40 -4.26
N LEU A 166 15.05 -13.17 -2.99
CA LEU A 166 15.12 -11.80 -2.46
C LEU A 166 16.53 -11.23 -2.58
N ARG A 167 17.56 -12.03 -2.25
CA ARG A 167 18.92 -11.51 -2.38
C ARG A 167 19.25 -11.18 -3.82
N LYS A 168 18.76 -11.99 -4.76
CA LYS A 168 18.99 -11.69 -6.17
C LYS A 168 18.27 -10.40 -6.58
N TYR A 169 17.01 -10.24 -6.18
CA TYR A 169 16.26 -9.05 -6.58
C TYR A 169 16.88 -7.78 -5.99
N VAL A 170 17.36 -7.85 -4.75
CA VAL A 170 17.95 -6.67 -4.14
C VAL A 170 19.21 -6.27 -4.90
N SER A 171 19.95 -7.25 -5.41
CA SER A 171 21.14 -6.93 -6.20
C SER A 171 20.76 -6.39 -7.58
N TYR A 172 19.77 -7.00 -8.25
CA TYR A 172 19.35 -6.51 -9.56
C TYR A 172 18.78 -5.11 -9.48
N GLY A 173 18.06 -4.80 -8.41
CA GLY A 173 17.39 -3.52 -8.28
C GLY A 173 18.18 -2.47 -7.54
N LYS A 174 19.45 -2.73 -7.23
CA LYS A 174 20.18 -1.89 -6.26
C LYS A 174 20.22 -0.42 -6.66
N ASP A 175 20.39 -0.11 -7.94
CA ASP A 175 20.56 1.28 -8.32
C ASP A 175 19.25 2.06 -8.17
N VAL A 176 18.13 1.38 -8.25
CA VAL A 176 16.83 2.00 -7.99
C VAL A 176 16.52 1.99 -6.50
N LEU A 177 16.74 0.86 -5.84
CA LEU A 177 16.34 0.70 -4.45
C LEU A 177 17.22 1.52 -3.50
N GLU A 178 18.48 1.74 -3.86
CA GLU A 178 19.41 2.46 -3.00
C GLU A 178 19.53 3.94 -3.34
N ARG A 179 18.84 4.42 -4.37
CA ARG A 179 18.87 5.84 -4.69
C ARG A 179 18.26 6.64 -3.54
N ARG A 180 18.69 7.88 -3.40
CA ARG A 180 18.18 8.78 -2.39
C ARG A 180 17.62 10.02 -3.07
N GLU A 181 16.34 10.30 -2.82
CA GLU A 181 15.70 11.54 -3.21
C GLU A 181 15.40 12.34 -1.96
N ARG A 182 15.93 13.55 -1.91
CA ARG A 182 15.66 14.44 -0.79
C ARG A 182 14.28 15.06 -0.95
N PRO A 183 13.49 15.10 0.11
CA PRO A 183 12.20 15.77 0.04
C PRO A 183 12.35 17.28 -0.08
N GLU A 184 11.40 17.88 -0.79
CA GLU A 184 11.15 19.32 -0.70
C GLU A 184 10.18 19.52 0.47
N VAL A 185 10.60 20.29 1.47
CA VAL A 185 9.81 20.45 2.70
C VAL A 185 9.27 21.87 2.78
N ARG A 186 7.98 21.98 3.08
CA ARG A 186 7.33 23.27 3.31
C ARG A 186 6.63 23.26 4.66
N VAL A 187 6.92 24.26 5.49
CA VAL A 187 6.19 24.52 6.72
C VAL A 187 5.25 25.69 6.49
N SER A 188 3.99 25.51 6.86
CA SER A 188 2.96 26.53 6.72
C SER A 188 2.16 26.59 8.02
N GLY A 189 1.35 27.63 8.16
CA GLY A 189 0.53 27.77 9.35
C GLY A 189 -0.82 28.36 9.01
N MET A 190 -1.83 27.96 9.78
CA MET A 190 -3.17 28.51 9.70
C MET A 190 -3.75 28.57 11.11
N GLU A 191 -4.42 29.67 11.43
CA GLU A 191 -5.00 29.88 12.76
C GLU A 191 -6.52 29.72 12.73
N ALA A 192 -7.04 29.05 13.75
CA ALA A 192 -8.48 28.95 13.97
C ALA A 192 -8.71 28.71 15.45
N ASP A 193 -9.73 29.35 16.00
CA ASP A 193 -10.11 29.18 17.41
C ASP A 193 -8.91 29.36 18.36
N LYS A 194 -8.14 30.43 18.11
CA LYS A 194 -7.04 30.89 18.96
C LYS A 194 -5.86 29.92 18.97
N ILE A 195 -5.77 29.03 17.98
CA ILE A 195 -4.73 28.03 17.90
C ILE A 195 -4.09 28.13 16.53
N LEU A 196 -2.77 28.27 16.49
CA LEU A 196 -2.02 28.25 15.24
C LEU A 196 -1.56 26.82 14.99
N THR A 197 -2.07 26.19 13.93
CA THR A 197 -1.61 24.86 13.54
C THR A 197 -0.52 24.98 12.47
N LEU A 198 0.68 24.51 12.80
CA LEU A 198 1.77 24.45 11.84
C LEU A 198 1.74 23.10 11.14
N SER A 199 1.88 23.13 9.81
CA SER A 199 1.93 21.92 8.99
C SER A 199 3.30 21.83 8.34
N CYS A 200 3.91 20.66 8.44
CA CYS A 200 5.19 20.38 7.79
C CYS A 200 4.93 19.30 6.77
N ARG A 201 5.14 19.61 5.49
CA ARG A 201 4.87 18.66 4.42
C ARG A 201 6.16 18.33 3.69
N ALA A 202 6.49 17.04 3.63
CA ALA A 202 7.67 16.56 2.91
C ALA A 202 7.22 15.94 1.59
N HIS A 203 7.64 16.54 0.46
CA HIS A 203 7.25 16.10 -0.86
C HIS A 203 8.39 15.38 -1.58
N GLY A 204 8.11 14.17 -2.04
CA GLY A 204 8.98 13.52 -3.02
C GLY A 204 10.22 12.83 -2.47
N PHE A 205 10.17 12.27 -1.27
CA PHE A 205 11.32 11.58 -0.72
C PHE A 205 11.32 10.12 -1.13
N TYR A 206 12.53 9.56 -1.22
CA TYR A 206 12.75 8.15 -1.41
C TYR A 206 14.06 7.84 -0.72
N PRO A 207 14.16 6.74 0.03
CA PRO A 207 13.16 5.67 0.22
C PRO A 207 12.00 6.04 1.15
N GLN A 208 11.14 5.06 1.41
CA GLN A 208 9.90 5.30 2.14
C GLN A 208 10.04 5.65 3.61
N PRO A 209 10.93 5.01 4.39
CA PRO A 209 11.00 5.34 5.82
C PRO A 209 11.35 6.80 6.06
N ILE A 210 10.66 7.41 7.02
CA ILE A 210 10.87 8.81 7.36
C ILE A 210 10.35 9.03 8.78
N SER A 211 10.95 9.97 9.49
CA SER A 211 10.46 10.35 10.81
C SER A 211 10.45 11.87 10.93
N ILE A 212 9.31 12.41 11.36
CA ILE A 212 9.13 13.85 11.50
C ILE A 212 8.81 14.16 12.96
N SER A 213 9.49 15.16 13.51
CA SER A 213 9.26 15.64 14.86
C SER A 213 9.36 17.16 14.85
N TRP A 214 9.12 17.77 16.01
CA TRP A 214 9.11 19.22 16.12
C TRP A 214 10.06 19.70 17.20
N LEU A 215 10.73 20.82 16.93
CA LEU A 215 11.60 21.47 17.90
C LEU A 215 11.00 22.83 18.22
N LYS A 216 10.95 23.15 19.51
CA LYS A 216 10.55 24.47 20.00
C LYS A 216 11.76 25.10 20.69
N ASP A 217 12.22 26.24 20.15
CA ASP A 217 13.46 26.87 20.62
C ASP A 217 14.59 25.85 20.72
N GLY A 218 14.67 24.92 19.75
CA GLY A 218 15.72 23.92 19.69
C GLY A 218 15.47 22.69 20.54
N MET A 219 14.44 22.69 21.37
CA MET A 219 14.01 21.53 22.14
C MET A 219 12.85 20.73 21.54
N VAL A 220 12.97 19.41 21.69
CA VAL A 220 11.91 18.50 21.29
C VAL A 220 10.61 18.89 21.95
N GLN A 221 9.56 18.91 21.16
CA GLN A 221 8.20 19.23 21.58
C GLN A 221 7.25 18.21 20.97
N GLU A 222 6.70 17.34 21.81
CA GLU A 222 5.70 16.38 21.38
C GLU A 222 4.27 16.83 21.67
N GLN A 223 4.07 17.87 22.48
CA GLN A 223 2.72 18.28 22.85
C GLN A 223 1.94 18.71 21.61
N GLU A 224 0.74 18.15 21.46
CA GLU A 224 -0.24 18.57 20.45
C GLU A 224 0.26 18.36 19.02
N THR A 225 0.98 17.26 18.79
CA THR A 225 1.47 16.89 17.47
C THR A 225 0.64 15.75 16.88
N ARG A 226 0.50 15.77 15.55
CA ARG A 226 -0.14 14.71 14.80
C ARG A 226 0.63 14.48 13.49
N ARG A 227 0.38 13.33 12.85
CA ARG A 227 1.04 13.05 11.58
C ARG A 227 0.14 12.17 10.73
N GLY A 228 0.30 12.30 9.41
CA GLY A 228 -0.39 11.44 8.47
C GLY A 228 0.40 10.20 8.16
N SER A 229 -0.27 9.25 7.52
CA SER A 229 0.42 8.08 7.01
C SER A 229 1.19 8.45 5.76
N THR A 230 2.32 7.77 5.53
CA THR A 230 3.10 7.99 4.31
C THR A 230 2.30 7.50 3.11
N VAL A 231 2.27 8.32 2.06
CA VAL A 231 1.49 8.02 0.86
C VAL A 231 2.32 8.25 -0.41
N PRO A 232 2.02 7.56 -1.50
CA PRO A 232 2.87 7.63 -2.70
C PRO A 232 2.52 8.75 -3.66
N ASN A 233 3.54 9.19 -4.39
CA ASN A 233 3.37 10.01 -5.59
C ASN A 233 3.35 9.14 -6.83
N SER A 234 3.06 9.75 -7.98
CA SER A 234 2.90 8.98 -9.21
C SER A 234 4.23 8.45 -9.72
N ASP A 235 5.35 9.05 -9.30
CA ASP A 235 6.69 8.66 -9.74
C ASP A 235 7.39 7.68 -8.80
N GLY A 236 6.70 7.14 -7.80
CA GLY A 236 7.31 6.19 -6.91
C GLY A 236 7.99 6.78 -5.68
N THR A 237 8.07 8.10 -5.58
CA THR A 237 8.48 8.74 -4.34
C THR A 237 7.27 8.88 -3.42
N TYR A 238 7.49 9.50 -2.27
CA TYR A 238 6.50 9.50 -1.22
C TYR A 238 6.28 10.89 -0.65
N HIS A 239 5.25 10.99 0.18
CA HIS A 239 4.72 12.22 0.74
C HIS A 239 4.29 11.96 2.17
N ILE A 240 4.46 12.95 3.04
CA ILE A 240 3.93 12.85 4.40
C ILE A 240 3.70 14.25 4.95
N TRP A 241 2.71 14.39 5.82
CA TRP A 241 2.50 15.62 6.58
C TRP A 241 2.56 15.37 8.07
N ALA A 242 2.93 16.43 8.79
CA ALA A 242 2.90 16.45 10.25
C ALA A 242 2.41 17.80 10.71
N THR A 243 1.71 17.83 11.85
CA THR A 243 1.24 19.10 12.38
C THR A 243 1.56 19.23 13.85
N ILE A 244 1.58 20.48 14.32
CA ILE A 244 1.68 20.81 15.73
C ILE A 244 0.82 22.05 16.00
N ASP A 245 0.11 22.03 17.12
CA ASP A 245 -0.69 23.17 17.57
C ASP A 245 0.14 24.04 18.49
N VAL A 246 0.19 25.34 18.20
CA VAL A 246 1.03 26.28 18.95
C VAL A 246 0.25 27.55 19.22
N LEU A 247 0.81 28.38 20.07
CA LEU A 247 0.19 29.65 20.39
C LEU A 247 0.34 30.60 19.20
N PRO A 248 -0.72 31.29 18.79
CA PRO A 248 -0.56 32.35 17.80
C PRO A 248 0.48 33.36 18.25
N GLY A 249 1.35 33.75 17.33
CA GLY A 249 2.48 34.60 17.64
C GLY A 249 3.79 33.87 17.85
N ASP A 250 3.76 32.54 18.01
CA ASP A 250 4.93 31.74 18.34
C ASP A 250 5.48 30.94 17.17
N GLY A 251 4.96 31.17 15.96
CA GLY A 251 5.34 30.34 14.82
C GLY A 251 6.83 30.28 14.57
N ASP A 252 7.55 31.39 14.80
CA ASP A 252 8.98 31.43 14.53
C ASP A 252 9.80 30.59 15.51
N LYS A 253 9.21 30.16 16.62
CA LYS A 253 9.94 29.34 17.59
C LYS A 253 10.05 27.88 17.19
N TYR A 254 9.33 27.44 16.16
CA TYR A 254 9.20 26.03 15.85
C TYR A 254 9.96 25.66 14.58
N GLN A 255 10.56 24.48 14.63
CA GLN A 255 11.16 23.85 13.47
C GLN A 255 10.62 22.44 13.29
N CYS A 256 10.36 22.08 12.04
CA CYS A 256 10.13 20.71 11.62
C CYS A 256 11.47 19.99 11.46
N ARG A 257 11.58 18.79 12.03
CA ARG A 257 12.80 17.99 12.00
C ARG A 257 12.54 16.71 11.22
N VAL A 258 13.27 16.54 10.11
CA VAL A 258 13.03 15.44 9.18
C VAL A 258 14.21 14.48 9.21
N GLU A 259 13.96 13.26 9.67
CA GLU A 259 14.93 12.17 9.66
C GLU A 259 14.68 11.33 8.42
N HIS A 260 15.67 11.27 7.53
CA HIS A 260 15.49 10.52 6.29
C HIS A 260 16.84 10.16 5.71
N ALA A 261 16.90 9.00 5.05
CA ALA A 261 18.18 8.50 4.52
C ALA A 261 18.85 9.49 3.57
N SER A 262 18.09 10.33 2.89
CA SER A 262 18.66 11.34 2.01
C SER A 262 19.31 12.49 2.77
N LEU A 263 19.09 12.58 4.08
CA LEU A 263 19.63 13.64 4.92
C LEU A 263 20.65 13.05 5.87
N PRO A 264 21.96 13.19 5.65
CA PRO A 264 22.92 12.54 6.54
C PRO A 264 22.78 12.97 7.98
N GLN A 265 22.38 14.23 8.18
CA GLN A 265 21.98 14.83 9.42
C GLN A 265 20.53 15.26 9.28
N PRO A 266 19.66 15.00 10.24
CA PRO A 266 18.25 15.36 10.08
C PRO A 266 18.08 16.85 9.77
N GLY A 267 17.23 17.15 8.78
CA GLY A 267 17.08 18.51 8.34
C GLY A 267 16.08 19.27 9.20
N LEU A 268 16.32 20.57 9.34
CA LEU A 268 15.45 21.45 10.09
C LEU A 268 14.82 22.50 9.17
N PHE A 269 13.53 22.72 9.33
CA PHE A 269 12.77 23.61 8.45
C PHE A 269 11.82 24.46 9.26
N SER A 270 11.69 25.72 8.84
CA SER A 270 10.86 26.72 9.51
C SER A 270 9.82 27.27 8.55
N TRP A 271 8.78 27.88 9.11
CA TRP A 271 7.76 28.50 8.27
C TRP A 271 8.21 29.87 7.80
N GLY B 4 -20.89 -11.87 8.32
CA GLY B 4 -20.40 -11.88 6.95
C GLY B 4 -19.23 -10.94 6.69
N GLN B 5 -19.27 -10.30 5.51
CA GLN B 5 -18.09 -9.66 4.96
C GLN B 5 -17.72 -8.40 5.72
N ALA B 6 -16.42 -8.18 5.91
CA ALA B 6 -15.95 -6.98 6.58
C ALA B 6 -16.20 -5.74 5.73
N LYS B 7 -16.65 -4.68 6.38
CA LYS B 7 -16.84 -3.37 5.74
C LYS B 7 -15.90 -2.39 6.41
N ALA B 8 -15.02 -1.77 5.63
CA ALA B 8 -14.05 -0.81 6.14
C ALA B 8 -14.11 0.44 5.28
N ALA B 9 -14.32 1.59 5.92
CA ALA B 9 -14.45 2.84 5.20
C ALA B 9 -13.11 3.34 4.68
N PRO B 10 -13.10 3.94 3.48
CA PRO B 10 -11.88 4.56 2.96
C PRO B 10 -11.33 5.65 3.87
N LYS B 11 -10.00 5.72 3.93
CA LYS B 11 -9.25 6.86 4.46
C LYS B 11 -8.58 7.55 3.29
N VAL B 12 -8.64 8.88 3.25
CA VAL B 12 -8.30 9.66 2.06
C VAL B 12 -7.34 10.78 2.41
N GLN B 13 -6.33 10.95 1.56
CA GLN B 13 -5.48 12.14 1.60
C GLN B 13 -5.40 12.79 0.22
N VAL B 14 -5.41 14.11 0.19
CA VAL B 14 -5.34 14.88 -1.05
C VAL B 14 -4.17 15.84 -0.92
N TYR B 15 -3.25 15.80 -1.88
CA TYR B 15 -1.95 16.47 -1.72
C TYR B 15 -1.34 16.70 -3.08
N SER B 16 -0.46 17.69 -3.17
CA SER B 16 0.21 17.97 -4.43
C SER B 16 1.60 17.32 -4.47
N ARG B 17 2.04 16.99 -5.69
CA ARG B 17 3.34 16.34 -5.84
C ARG B 17 4.45 17.23 -5.34
N HIS B 18 4.40 18.51 -5.69
CA HIS B 18 5.38 19.50 -5.28
C HIS B 18 4.71 20.54 -4.40
N PRO B 19 5.47 21.22 -3.54
CA PRO B 19 4.91 22.40 -2.89
C PRO B 19 4.37 23.37 -3.93
N ALA B 20 3.14 23.83 -3.73
CA ALA B 20 2.41 24.50 -4.78
C ALA B 20 2.72 26.00 -4.84
N THR B 21 2.56 26.55 -6.04
CA THR B 21 2.68 27.97 -6.33
C THR B 21 1.50 28.33 -7.21
N ALA B 22 0.82 29.42 -6.91
CA ALA B 22 -0.33 29.83 -7.72
C ALA B 22 0.08 30.03 -9.18
N GLY B 23 -0.65 29.40 -10.09
CA GLY B 23 -0.37 29.50 -11.52
C GLY B 23 0.69 28.54 -12.05
N THR B 24 1.24 27.66 -11.22
CA THR B 24 2.34 26.78 -11.59
C THR B 24 1.85 25.34 -11.72
N GLU B 25 2.13 24.74 -12.88
CA GLU B 25 1.71 23.37 -13.12
C GLU B 25 2.33 22.42 -12.09
N ASN B 26 1.53 21.44 -11.68
CA ASN B 26 1.83 20.54 -10.58
C ASN B 26 1.06 19.24 -10.87
N ILE B 27 1.05 18.32 -9.90
CA ILE B 27 0.22 17.12 -9.99
C ILE B 27 -0.61 17.02 -8.72
N LEU B 28 -1.90 16.78 -8.86
CA LEU B 28 -2.81 16.60 -7.74
C LEU B 28 -3.01 15.11 -7.47
N ASN B 29 -2.79 14.70 -6.22
CA ASN B 29 -2.89 13.31 -5.80
C ASN B 29 -4.07 13.11 -4.86
N CYS B 30 -4.80 12.01 -5.07
CA CYS B 30 -5.79 11.54 -4.11
C CYS B 30 -5.43 10.08 -3.81
N TYR B 31 -5.00 9.82 -2.60
CA TYR B 31 -4.66 8.45 -2.20
C TYR B 31 -5.77 7.93 -1.28
N VAL B 32 -6.35 6.80 -1.64
CA VAL B 32 -7.50 6.24 -0.95
C VAL B 32 -7.09 4.86 -0.46
N GLU B 33 -7.21 4.62 0.84
CA GLU B 33 -6.68 3.39 1.43
C GLU B 33 -7.58 2.89 2.56
N GLY B 34 -7.29 1.68 3.00
CA GLY B 34 -7.95 1.12 4.17
C GLY B 34 -9.37 0.65 3.96
N PHE B 35 -9.80 0.44 2.71
CA PHE B 35 -11.20 0.13 2.47
C PHE B 35 -11.40 -1.34 2.10
N HIS B 36 -12.59 -1.84 2.42
CA HIS B 36 -13.02 -3.17 2.03
C HIS B 36 -14.54 -3.16 1.99
N PRO B 37 -15.18 -3.77 0.99
CA PRO B 37 -14.61 -4.51 -0.15
C PRO B 37 -13.97 -3.57 -1.19
N PRO B 38 -13.37 -4.13 -2.25
CA PRO B 38 -12.60 -3.27 -3.18
C PRO B 38 -13.44 -2.35 -4.05
N LYS B 39 -14.72 -2.66 -4.29
CA LYS B 39 -15.55 -1.79 -5.12
C LYS B 39 -15.54 -0.37 -4.60
N ILE B 40 -15.21 0.60 -5.48
CA ILE B 40 -15.10 1.98 -5.03
C ILE B 40 -15.22 2.90 -6.24
N ASP B 41 -15.70 4.12 -6.01
CA ASP B 41 -15.73 5.18 -7.01
C ASP B 41 -14.93 6.37 -6.48
N ILE B 42 -13.90 6.76 -7.23
CA ILE B 42 -13.03 7.87 -6.87
C ILE B 42 -12.99 8.84 -8.04
N ALA B 43 -13.20 10.13 -7.77
CA ALA B 43 -13.23 11.14 -8.81
C ALA B 43 -12.48 12.37 -8.34
N LEU B 44 -11.74 12.99 -9.25
CA LEU B 44 -11.07 14.27 -9.00
C LEU B 44 -11.88 15.37 -9.67
N LEU B 45 -12.18 16.43 -8.92
CA LEU B 45 -13.08 17.49 -9.34
C LEU B 45 -12.38 18.84 -9.22
N LYS B 46 -12.58 19.69 -10.22
CA LYS B 46 -12.15 21.09 -10.19
C LYS B 46 -13.39 21.96 -10.24
N ASN B 47 -13.61 22.72 -9.18
CA ASN B 47 -14.83 23.53 -9.02
C ASN B 47 -16.08 22.71 -9.32
N GLY B 48 -16.11 21.49 -8.80
CA GLY B 48 -17.26 20.62 -8.94
C GLY B 48 -17.43 19.95 -10.28
N GLU B 49 -16.47 20.09 -11.19
CA GLU B 49 -16.57 19.47 -12.49
C GLU B 49 -15.45 18.45 -12.65
N PRO B 50 -15.69 17.38 -13.40
CA PRO B 50 -14.67 16.34 -13.58
C PRO B 50 -13.39 16.92 -14.16
N MET B 51 -12.25 16.56 -13.56
CA MET B 51 -10.98 17.05 -14.07
C MET B 51 -10.55 16.29 -15.32
N LYS B 52 -9.78 16.98 -16.16
CA LYS B 52 -9.20 16.37 -17.34
C LYS B 52 -7.96 15.57 -16.98
N ASP B 53 -7.65 14.57 -17.81
CA ASP B 53 -6.37 13.85 -17.77
C ASP B 53 -6.14 13.12 -16.45
N VAL B 54 -7.20 12.57 -15.88
CA VAL B 54 -7.06 11.84 -14.62
C VAL B 54 -6.53 10.43 -14.91
N LYS B 55 -5.58 9.99 -14.10
CA LYS B 55 -5.05 8.64 -14.18
C LYS B 55 -5.36 7.87 -12.91
N TYR B 56 -5.67 6.58 -13.08
CA TYR B 56 -6.08 5.67 -12.02
C TYR B 56 -5.06 4.54 -11.96
N ASN B 57 -4.19 4.56 -10.97
CA ASN B 57 -3.26 3.44 -10.86
C ASN B 57 -4.01 2.18 -10.43
N ASP B 58 -3.38 1.04 -10.66
CA ASP B 58 -3.99 -0.24 -10.31
C ASP B 58 -4.07 -0.36 -8.79
N MET B 59 -5.09 -1.10 -8.32
CA MET B 59 -5.29 -1.25 -6.88
C MET B 59 -4.31 -2.24 -6.28
N SER B 60 -4.01 -2.04 -5.00
CA SER B 60 -3.21 -2.96 -4.20
C SER B 60 -3.95 -3.19 -2.88
N PHE B 61 -3.38 -4.01 -2.01
CA PHE B 61 -3.99 -4.23 -0.71
C PHE B 61 -2.90 -4.55 0.32
N GLY B 62 -3.25 -4.35 1.59
CA GLY B 62 -2.34 -4.57 2.69
C GLY B 62 -2.67 -5.83 3.48
N ASP B 63 -1.87 -6.06 4.52
CA ASP B 63 -1.98 -7.31 5.27
C ASP B 63 -3.09 -7.29 6.31
N ASP B 64 -3.85 -6.20 6.40
CA ASP B 64 -5.13 -6.20 7.12
C ASP B 64 -6.29 -6.39 6.17
N TRP B 65 -6.00 -6.79 4.92
CA TRP B 65 -6.97 -7.16 3.88
C TRP B 65 -7.72 -5.97 3.33
N THR B 66 -7.22 -4.77 3.56
CA THR B 66 -7.84 -3.59 2.97
C THR B 66 -7.08 -3.14 1.73
N PHE B 67 -7.80 -2.46 0.85
CA PHE B 67 -7.31 -2.06 -0.46
C PHE B 67 -6.92 -0.59 -0.49
N GLN B 68 -6.13 -0.24 -1.51
CA GLN B 68 -5.56 1.10 -1.65
C GLN B 68 -5.37 1.41 -3.13
N ARG B 69 -5.53 2.68 -3.47
CA ARG B 69 -5.42 3.13 -4.86
C ARG B 69 -5.00 4.60 -4.89
N LEU B 70 -4.04 4.93 -5.77
CA LEU B 70 -3.67 6.30 -6.08
C LEU B 70 -4.39 6.77 -7.34
N VAL B 71 -4.96 7.97 -7.30
CA VAL B 71 -5.60 8.65 -8.41
C VAL B 71 -4.97 10.02 -8.53
N TYR B 72 -4.57 10.42 -9.74
CA TYR B 72 -3.83 11.68 -9.86
C TYR B 72 -4.07 12.35 -11.20
N ALA B 73 -3.77 13.65 -11.23
CA ALA B 73 -3.98 14.39 -12.47
C ALA B 73 -3.07 15.61 -12.47
N PRO B 74 -2.57 16.04 -13.63
CA PRO B 74 -1.89 17.33 -13.67
C PRO B 74 -2.90 18.42 -13.30
N PHE B 75 -2.40 19.48 -12.67
CA PHE B 75 -3.26 20.62 -12.40
C PHE B 75 -2.40 21.87 -12.24
N THR B 76 -3.05 23.02 -12.43
CA THR B 76 -2.40 24.31 -12.31
C THR B 76 -3.22 25.14 -11.33
N PRO B 77 -2.94 25.00 -10.04
CA PRO B 77 -3.82 25.61 -9.03
C PRO B 77 -3.69 27.12 -9.01
N THR B 78 -4.83 27.78 -8.83
CA THR B 78 -4.89 29.22 -8.60
C THR B 78 -5.53 29.48 -7.24
N LYS B 79 -5.51 30.74 -6.84
CA LYS B 79 -6.09 31.09 -5.54
C LYS B 79 -7.60 31.04 -5.53
N SER B 80 -8.25 30.88 -6.69
CA SER B 80 -9.71 30.89 -6.73
C SER B 80 -10.31 29.52 -7.02
N ASP B 81 -9.52 28.56 -7.46
CA ASP B 81 -10.04 27.25 -7.86
C ASP B 81 -10.07 26.31 -6.67
N VAL B 82 -11.09 25.44 -6.64
CA VAL B 82 -11.32 24.48 -5.57
C VAL B 82 -11.18 23.08 -6.15
N TYR B 83 -10.27 22.29 -5.57
CA TYR B 83 -10.02 20.93 -6.03
C TYR B 83 -10.44 19.95 -4.96
N THR B 84 -11.21 18.94 -5.37
CA THR B 84 -11.68 17.92 -4.43
C THR B 84 -11.52 16.53 -5.00
N CYS B 85 -11.45 15.58 -4.08
CA CYS B 85 -11.52 14.15 -4.35
C CYS B 85 -12.81 13.63 -3.77
N ARG B 86 -13.68 13.10 -4.62
CA ARG B 86 -14.97 12.57 -4.18
C ARG B 86 -14.89 11.05 -4.19
N VAL B 87 -15.26 10.44 -3.07
CA VAL B 87 -15.10 9.01 -2.88
C VAL B 87 -16.44 8.44 -2.44
N ASP B 88 -16.94 7.45 -3.18
CA ASP B 88 -18.13 6.72 -2.78
C ASP B 88 -17.80 5.25 -2.57
N HIS B 89 -18.26 4.71 -1.46
CA HIS B 89 -17.92 3.36 -1.05
C HIS B 89 -19.07 2.89 -0.17
N GLU B 90 -19.33 1.57 -0.18
CA GLU B 90 -20.49 1.09 0.56
C GLU B 90 -20.31 1.21 2.08
N ALA B 91 -19.08 1.38 2.57
CA ALA B 91 -18.85 1.56 4.00
C ALA B 91 -18.96 3.01 4.45
N PHE B 92 -19.24 3.93 3.51
CA PHE B 92 -19.65 5.30 3.83
C PHE B 92 -21.18 5.36 3.84
N THR B 93 -21.76 6.13 4.77
CA THR B 93 -23.21 6.31 4.72
C THR B 93 -23.61 7.24 3.58
N GLU B 94 -22.70 8.12 3.17
CA GLU B 94 -22.90 9.12 2.15
C GLU B 94 -21.58 9.28 1.41
N PRO B 95 -21.60 9.59 0.11
CA PRO B 95 -20.33 9.92 -0.57
C PRO B 95 -19.64 11.08 0.13
N GLN B 96 -18.31 11.00 0.19
CA GLN B 96 -17.51 11.94 0.96
C GLN B 96 -16.61 12.72 0.02
N SER B 97 -16.49 14.02 0.26
CA SER B 97 -15.60 14.87 -0.52
C SER B 97 -14.45 15.37 0.36
N PHE B 98 -13.26 15.37 -0.22
CA PHE B 98 -12.05 15.75 0.49
C PHE B 98 -11.37 16.86 -0.32
N ARG B 99 -11.16 18.00 0.32
CA ARG B 99 -10.69 19.20 -0.36
C ARG B 99 -9.17 19.30 -0.26
N TRP B 100 -8.51 19.55 -1.40
CA TRP B 100 -7.10 19.92 -1.35
C TRP B 100 -6.95 21.25 -0.63
N GLU B 101 -6.09 21.30 0.37
CA GLU B 101 -5.85 22.56 1.06
C GLU B 101 -4.87 23.39 0.24
N PRO B 102 -5.27 24.56 -0.26
CA PRO B 102 -4.36 25.36 -1.07
C PRO B 102 -3.26 25.98 -0.23
N ASP B 103 -2.09 25.38 -0.30
CA ASP B 103 -0.93 25.74 0.51
C ASP B 103 0.09 26.30 -0.48
N PHE B 104 0.19 27.62 -0.51
CA PHE B 104 1.10 28.28 -1.45
C PHE B 104 2.32 28.88 -0.77
N ILE C 1 10.72 -15.24 -6.69
CA ILE C 1 9.82 -16.09 -7.46
C ILE C 1 8.63 -16.53 -6.59
N MET C 2 7.48 -16.76 -7.20
CA MET C 2 6.34 -17.27 -6.46
C MET C 2 6.48 -18.75 -6.09
N PHE C 3 5.76 -19.11 -5.03
CA PHE C 3 5.70 -20.48 -4.49
C PHE C 3 4.90 -21.34 -5.45
N SER C 4 5.38 -22.54 -5.70
CA SER C 4 4.68 -23.34 -6.71
C SER C 4 3.42 -24.02 -6.17
N ASN C 5 2.30 -23.35 -6.38
CA ASN C 5 0.93 -23.88 -6.19
C ASN C 5 0.50 -24.22 -4.76
N LYS C 6 -0.17 -23.29 -4.11
CA LYS C 6 -0.72 -23.59 -2.78
C LYS C 6 -1.95 -24.48 -3.02
N MET C 7 -2.20 -25.37 -2.09
CA MET C 7 -3.40 -26.19 -1.99
C MET C 7 -4.67 -25.35 -1.91
N ALA C 8 -5.77 -25.93 -2.39
CA ALA C 8 -7.09 -25.32 -2.22
C ALA C 8 -7.51 -25.37 -0.75
N ARG C 9 -8.35 -24.41 -0.37
CA ARG C 9 -8.87 -24.38 1.01
C ARG C 9 -9.97 -25.42 1.26
#